data_2OEU
#
_entry.id   2OEU
#
_cell.length_a   50.312
_cell.length_b   68.981
_cell.length_c   60.443
_cell.angle_alpha   90.00
_cell.angle_beta   112.62
_cell.angle_gamma   90.00
#
_symmetry.space_group_name_H-M   'C 1 2 1'
#
loop_
_entity.id
_entity.type
_entity.pdbx_description
1 polymer 'Hammerhead Ribozyme'
2 polymer "5'-R(*GP*GP*CP*GP*UP*(OMC)P*CP*UP*GP*GP*(5BU)P*AP*UP*CP*CP*AP*AP*UP*CP*(DC))-3'"
3 non-polymer 'MANGANESE (II) ION'
4 water water
#
loop_
_entity_poly.entity_id
_entity_poly.type
_entity_poly.pdbx_seq_one_letter_code
_entity_poly.pdbx_strand_id
1 'polyribonucleotide' (GTP)GAUGUACUACCAGCUGAUGAGUCCCAAAUAGGACGAAACGCC A
2 'polyribonucleotide' GGCGU(OMC)CUGG(5BU)AUCCAAUC(DC) B
#
loop_
_chem_comp.id
_chem_comp.type
_chem_comp.name
_chem_comp.formula
5BU RNA linking 5-BROMO-URIDINE-5'-MONOPHOSPHATE 'C9 H12 Br N2 O9 P'
A RNA linking ADENOSINE-5'-MONOPHOSPHATE 'C10 H14 N5 O7 P'
C RNA linking CYTIDINE-5'-MONOPHOSPHATE 'C9 H14 N3 O8 P'
DC DNA linking 2'-DEOXYCYTIDINE-5'-MONOPHOSPHATE 'C9 H14 N3 O7 P'
G RNA linking GUANOSINE-5'-MONOPHOSPHATE 'C10 H14 N5 O8 P'
GTP non-polymer GUANOSINE-5'-TRIPHOSPHATE 'C10 H16 N5 O14 P3'
MN non-polymer 'MANGANESE (II) ION' 'Mn 2'
OMC RNA linking O2'-METHYLYCYTIDINE-5'-MONOPHOSPHATE 'C10 H16 N3 O8 P'
U RNA linking URIDINE-5'-MONOPHOSPHATE 'C9 H13 N2 O9 P'
#
# COMPACT_ATOMS: atom_id res chain seq x y z
PG GTP A 1 -10.23 14.55 8.45
O1G GTP A 1 -10.50 16.04 8.29
O2G GTP A 1 -11.42 13.88 9.11
O3G GTP A 1 -8.96 14.32 9.22
O3B GTP A 1 -10.08 13.94 6.97
PB GTP A 1 -11.17 14.39 5.90
O1B GTP A 1 -12.47 14.79 6.55
O2B GTP A 1 -10.60 15.55 5.08
O3A GTP A 1 -11.42 13.03 5.07
PA GTP A 1 -10.34 12.39 4.08
O1A GTP A 1 -10.42 10.89 4.20
O2A GTP A 1 -8.93 12.89 4.30
O5' GTP A 1 -10.94 12.89 2.66
C5' GTP A 1 -11.89 12.15 1.92
C4' GTP A 1 -12.24 12.88 0.63
O4' GTP A 1 -12.82 14.13 0.95
C3' GTP A 1 -11.07 13.23 -0.29
O3' GTP A 1 -10.64 12.21 -1.16
C2' GTP A 1 -11.63 14.43 -1.04
O2' GTP A 1 -12.57 14.03 -2.02
C1' GTP A 1 -12.42 15.12 0.05
N9 GTP A 1 -11.50 16.03 0.74
C8 GTP A 1 -10.97 15.89 1.99
N7 GTP A 1 -10.17 16.93 2.23
C5 GTP A 1 -10.14 17.71 1.13
C6 GTP A 1 -9.49 18.87 0.82
O6 GTP A 1 -8.73 19.37 1.66
N1 GTP A 1 -9.67 19.46 -0.41
C2 GTP A 1 -10.49 18.88 -1.34
N2 GTP A 1 -10.67 19.42 -2.53
N3 GTP A 1 -11.16 17.72 -1.02
C4 GTP A 1 -10.98 17.16 0.18
N1 OMC B 6 16.28 -13.47 -9.40
C2 OMC B 6 17.66 -13.23 -9.30
N3 OMC B 6 18.43 -13.36 -10.40
C4 OMC B 6 17.90 -13.66 -11.57
C5 OMC B 6 16.50 -13.93 -11.72
C6 OMC B 6 15.74 -13.83 -10.62
O2 OMC B 6 18.12 -12.93 -8.20
N4 OMC B 6 18.75 -13.75 -12.59
C1' OMC B 6 15.44 -13.28 -8.20
C2' OMC B 6 14.27 -12.35 -8.52
O2' OMC B 6 14.66 -11.00 -8.65
CM2 OMC B 6 13.79 -9.99 -9.17
C3' OMC B 6 13.38 -12.63 -7.32
C4' OMC B 6 13.56 -14.16 -7.16
O4' OMC B 6 14.86 -14.46 -7.69
O3' OMC B 6 13.88 -11.95 -6.16
C5' OMC B 6 12.56 -15.07 -7.86
O5' OMC B 6 12.58 -14.77 -9.26
P OMC B 6 11.55 -15.45 -10.28
OP1 OMC B 6 10.17 -15.35 -9.75
OP2 OMC B 6 11.89 -14.93 -11.62
P 5BU B 11 -3.92 -11.64 5.80
OP1 5BU B 11 -5.27 -12.17 6.19
OP2 5BU B 11 -3.74 -11.09 4.43
O5' 5BU B 11 -3.36 -10.56 6.84
C5' 5BU B 11 -3.65 -10.55 8.24
C4' 5BU B 11 -2.96 -9.37 8.89
O4' 5BU B 11 -1.50 -9.44 8.76
C3' 5BU B 11 -3.25 -8.03 8.23
O3' 5BU B 11 -4.52 -7.62 8.58
C2' 5BU B 11 -2.19 -7.18 8.91
O2' 5BU B 11 -2.47 -6.91 10.28
C1' 5BU B 11 -1.00 -8.13 8.72
N1 5BU B 11 -0.28 -7.87 7.44
C2 5BU B 11 0.65 -6.83 7.44
O2 5BU B 11 0.88 -6.13 8.41
N3 5BU B 11 1.29 -6.63 6.25
C4 5BU B 11 1.10 -7.35 5.07
O4 5BU B 11 1.76 -7.03 4.10
C5 5BU B 11 0.11 -8.41 5.14
C6 5BU B 11 -0.52 -8.62 6.29
BR 5BU B 11 -0.24 -9.41 3.64
MN MN C . 17.46 -5.22 -5.86
MN MN D . -9.24 16.91 4.45
MN MN E . 26.25 -15.43 -13.04
MN MN F . 6.89 7.15 -8.43
MN MN G . 26.51 -24.05 -11.67
#